data_4LL9
#
_entry.id   4LL9
#
_cell.length_a   121.257
_cell.length_b   71.976
_cell.length_c   75.036
_cell.angle_alpha   90.00
_cell.angle_beta   95.20
_cell.angle_gamma   90.00
#
_symmetry.space_group_name_H-M   'C 1 2 1'
#
loop_
_entity.id
_entity.type
_entity.pdbx_description
1 polymer 'Leukocyte immunoglobulin-like receptor subfamily B member 1'
2 non-polymer 'IODIDE ION'
3 water water
#
_entity_poly.entity_id   1
_entity_poly.type   'polypeptide(L)'
_entity_poly.pdbx_seq_one_letter_code
;VSKKPSLSVQPGPIVAPEETLTLQCGSDAGYNRFVLYKDGERDFLQLAGAQPQAGLSQANFTLGPVSRSYGGQYRCYGAH
NLSSEWSAPSDPLDILIAGQFYDRVSLSVQPGPTVASGENVTLLCQSQGWMQTFLLTKEGAADDPWRLRSTYQSQKYQAE
FPMGPVTSAHAGTYRCYGSQSSKPYLLTHPSDPLEL
;
_entity_poly.pdbx_strand_id   A,B,C
#
loop_
_chem_comp.id
_chem_comp.type
_chem_comp.name
_chem_comp.formula
IOD non-polymer 'IODIDE ION' 'I -1'
#
# COMPACT_ATOMS: atom_id res chain seq x y z
N VAL A 1 22.09 37.15 22.58
CA VAL A 1 23.01 36.11 22.15
C VAL A 1 23.69 35.47 23.36
N SER A 2 22.92 34.66 24.09
CA SER A 2 23.45 33.93 25.23
C SER A 2 24.00 32.59 24.77
N LYS A 3 24.52 31.80 25.71
CA LYS A 3 25.05 30.47 25.41
C LYS A 3 24.04 29.57 24.74
N LYS A 4 24.35 29.20 23.50
CA LYS A 4 23.50 28.32 22.69
C LYS A 4 23.16 27.02 23.43
N PRO A 5 21.93 26.50 23.23
CA PRO A 5 21.52 25.22 23.79
C PRO A 5 22.04 24.03 23.00
N SER A 6 21.87 22.82 23.52
CA SER A 6 22.31 21.61 22.83
C SER A 6 21.12 20.77 22.37
N LEU A 7 21.15 20.39 21.09
CA LEU A 7 20.10 19.56 20.50
C LEU A 7 20.57 18.13 20.23
N SER A 8 19.98 17.17 20.94
CA SER A 8 20.28 15.75 20.73
C SER A 8 19.02 14.96 20.35
N VAL A 9 19.21 13.80 19.70
CA VAL A 9 18.10 12.92 19.34
C VAL A 9 18.18 11.55 19.99
N GLN A 10 17.02 11.01 20.37
CA GLN A 10 16.93 9.69 20.97
C GLN A 10 16.03 8.81 20.11
N PRO A 11 16.51 7.63 19.70
CA PRO A 11 17.80 6.97 19.92
C PRO A 11 18.81 7.24 18.80
N GLY A 12 18.43 8.04 17.81
CA GLY A 12 19.31 8.35 16.69
C GLY A 12 18.63 9.26 15.69
N PRO A 13 19.41 9.76 14.71
CA PRO A 13 18.85 10.70 13.73
C PRO A 13 17.95 10.03 12.67
N ILE A 14 17.99 8.70 12.60
CA ILE A 14 17.25 7.98 11.58
C ILE A 14 15.88 7.50 12.07
N VAL A 15 14.82 8.03 11.47
CA VAL A 15 13.47 7.63 11.84
C VAL A 15 12.68 7.10 10.63
N ALA A 16 11.92 6.04 10.85
CA ALA A 16 11.08 5.46 9.82
C ALA A 16 9.77 6.25 9.74
N PRO A 17 9.18 6.31 8.54
CA PRO A 17 7.87 6.96 8.42
C PRO A 17 6.85 6.36 9.39
N GLU A 18 5.96 7.21 9.89
CA GLU A 18 4.90 6.87 10.84
C GLU A 18 5.44 6.67 12.26
N GLU A 19 6.77 6.76 12.41
CA GLU A 19 7.42 6.59 13.71
C GLU A 19 7.65 7.90 14.45
N THR A 20 8.26 7.79 15.62
CA THR A 20 8.50 8.92 16.50
C THR A 20 9.95 8.94 17.03
N LEU A 21 10.56 10.12 17.03
CA LEU A 21 11.81 10.32 17.77
C LEU A 21 11.74 11.63 18.54
N THR A 22 12.41 11.68 19.68
CA THR A 22 12.33 12.85 20.54
C THR A 22 13.62 13.67 20.50
N LEU A 23 13.47 14.99 20.56
CA LEU A 23 14.63 15.88 20.53
C LEU A 23 14.80 16.55 21.90
N GLN A 24 16.02 16.55 22.41
CA GLN A 24 16.30 17.23 23.68
C GLN A 24 17.00 18.55 23.44
N CYS A 25 16.41 19.60 23.97
CA CYS A 25 16.97 20.94 23.92
C CYS A 25 17.25 21.35 25.35
N GLY A 26 18.52 21.29 25.73
CA GLY A 26 18.91 21.57 27.09
C GLY A 26 20.02 22.59 27.17
N SER A 27 20.29 23.06 28.38
CA SER A 27 21.33 24.04 28.63
C SER A 27 21.70 24.04 30.09
N ASP A 28 22.83 24.66 30.43
CA ASP A 28 23.20 24.88 31.82
C ASP A 28 23.15 26.37 32.12
N ALA A 29 22.68 27.13 31.13
CA ALA A 29 22.57 28.58 31.25
C ALA A 29 21.26 28.98 31.92
N GLY A 30 20.51 28.00 32.42
CA GLY A 30 19.30 28.30 33.16
C GLY A 30 18.16 28.94 32.40
N TYR A 31 17.72 28.32 31.31
CA TYR A 31 16.57 28.83 30.57
C TYR A 31 15.25 28.31 31.12
N ASN A 32 14.16 29.02 30.82
CA ASN A 32 12.84 28.60 31.29
C ASN A 32 11.88 28.27 30.14
N ARG A 33 12.30 28.55 28.92
CA ARG A 33 11.53 28.14 27.76
C ARG A 33 12.48 27.84 26.60
N PHE A 34 12.01 27.02 25.68
CA PHE A 34 12.78 26.70 24.49
C PHE A 34 11.85 26.67 23.30
N VAL A 35 12.38 27.00 22.12
CA VAL A 35 11.55 27.00 20.93
C VAL A 35 12.25 26.19 19.86
N LEU A 36 11.50 25.31 19.20
CA LEU A 36 12.08 24.45 18.16
C LEU A 36 11.74 24.98 16.77
N TYR A 37 12.76 25.11 15.94
CA TYR A 37 12.61 25.55 14.55
C TYR A 37 13.13 24.49 13.61
N LYS A 38 12.68 24.54 12.37
CA LYS A 38 13.24 23.68 11.34
C LYS A 38 13.93 24.63 10.38
N ASP A 39 15.21 24.39 10.13
CA ASP A 39 15.99 25.25 9.26
C ASP A 39 15.31 25.41 7.91
N GLY A 40 15.01 26.65 7.56
CA GLY A 40 14.33 26.91 6.30
C GLY A 40 12.82 26.84 6.38
N GLU A 41 12.29 27.27 7.52
CA GLU A 41 10.86 27.21 7.76
C GLU A 41 10.54 28.36 8.71
N ARG A 42 9.69 29.27 8.26
CA ARG A 42 9.50 30.55 8.95
C ARG A 42 8.98 30.43 10.38
N ASP A 43 7.83 29.77 10.56
CA ASP A 43 7.24 29.65 11.90
C ASP A 43 7.91 28.51 12.67
N PHE A 44 8.00 28.68 13.99
CA PHE A 44 8.52 27.62 14.85
C PHE A 44 7.52 26.48 14.98
N LEU A 45 8.02 25.29 15.27
CA LEU A 45 7.18 24.12 15.40
C LEU A 45 6.59 24.00 16.81
N GLN A 46 7.43 24.05 17.83
CA GLN A 46 6.97 23.90 19.23
C GLN A 46 7.64 24.85 20.21
N LEU A 47 7.00 25.02 21.36
CA LEU A 47 7.47 25.90 22.44
C LEU A 47 7.14 25.31 23.82
N ALA A 48 8.15 25.14 24.66
CA ALA A 48 7.92 24.50 25.96
C ALA A 48 8.46 25.31 27.13
N GLY A 49 8.56 24.68 28.29
CA GLY A 49 9.00 25.33 29.50
C GLY A 49 9.80 24.39 30.39
N ALA A 50 10.73 24.93 31.18
CA ALA A 50 11.56 24.12 32.06
C ALA A 50 11.79 24.74 33.44
N GLN A 51 12.72 24.14 34.19
CA GLN A 51 13.07 24.60 35.53
C GLN A 51 14.54 24.32 35.85
N PRO A 52 15.36 25.38 35.88
CA PRO A 52 16.80 25.23 36.13
C PRO A 52 17.15 25.39 37.61
N GLN A 53 18.34 24.92 37.99
CA GLN A 53 18.75 24.89 39.39
C GLN A 53 20.26 25.07 39.53
N LEU A 56 20.51 22.12 35.86
CA LEU A 56 20.28 22.69 34.54
C LEU A 56 18.84 22.43 34.08
N SER A 57 18.39 23.19 33.08
CA SER A 57 17.04 23.03 32.54
C SER A 57 16.99 22.40 31.13
N GLN A 58 15.84 21.80 30.84
CA GLN A 58 15.62 20.96 29.66
C GLN A 58 14.19 20.98 29.11
N ALA A 59 14.06 20.77 27.80
CA ALA A 59 12.74 20.64 27.18
C ALA A 59 12.81 19.60 26.06
N ASN A 60 11.86 18.66 26.10
CA ASN A 60 11.77 17.62 25.08
C ASN A 60 10.81 17.97 23.96
N PHE A 61 11.26 17.86 22.72
CA PHE A 61 10.39 18.03 21.57
C PHE A 61 10.16 16.69 20.87
N THR A 62 8.90 16.38 20.57
CA THR A 62 8.57 15.14 19.88
C THR A 62 8.01 15.43 18.49
N LEU A 63 8.58 14.79 17.48
CA LEU A 63 8.10 14.90 16.12
C LEU A 63 7.13 13.75 15.84
N GLY A 64 5.83 14.01 15.86
CA GLY A 64 4.85 12.94 15.75
C GLY A 64 4.81 12.38 14.35
N PRO A 65 4.24 11.17 14.19
CA PRO A 65 4.25 10.32 12.98
C PRO A 65 4.83 11.01 11.75
N VAL A 66 6.12 10.76 11.53
CA VAL A 66 6.91 11.50 10.55
C VAL A 66 6.70 11.05 9.11
N SER A 67 6.97 11.97 8.19
CA SER A 67 6.93 11.72 6.77
C SER A 67 8.19 12.28 6.11
N ARG A 68 8.31 12.08 4.79
CA ARG A 68 9.42 12.62 4.01
C ARG A 68 9.80 14.07 4.34
N SER A 69 8.78 14.92 4.51
CA SER A 69 8.98 16.35 4.73
C SER A 69 9.62 16.68 6.07
N TYR A 70 9.81 15.69 6.94
CA TYR A 70 10.38 15.92 8.25
C TYR A 70 11.89 15.90 8.16
N GLY A 71 12.39 15.48 7.01
CA GLY A 71 13.82 15.41 6.79
C GLY A 71 14.38 16.80 6.68
N GLY A 72 15.46 17.06 7.41
CA GLY A 72 16.12 18.34 7.34
C GLY A 72 16.83 18.72 8.60
N GLN A 73 17.03 20.02 8.79
CA GLN A 73 17.81 20.52 9.91
C GLN A 73 16.96 21.24 10.94
N TYR A 74 17.15 20.87 12.19
CA TYR A 74 16.40 21.44 13.30
C TYR A 74 17.30 22.23 14.22
N ARG A 75 16.75 23.29 14.79
CA ARG A 75 17.48 24.09 15.76
C ARG A 75 16.55 24.57 16.87
N CYS A 76 17.12 24.83 18.04
CA CYS A 76 16.30 25.33 19.13
C CYS A 76 16.97 26.53 19.79
N TYR A 77 16.18 27.28 20.54
CA TYR A 77 16.67 28.47 21.22
C TYR A 77 16.19 28.41 22.65
N GLY A 78 16.91 29.08 23.53
CA GLY A 78 16.53 29.12 24.92
C GLY A 78 16.30 30.56 25.32
N ALA A 79 15.42 30.76 26.28
CA ALA A 79 15.14 32.10 26.78
C ALA A 79 14.98 32.08 28.29
N HIS A 80 15.13 33.26 28.89
CA HIS A 80 14.97 33.40 30.33
C HIS A 80 13.55 33.89 30.63
N ASN A 81 13.14 33.82 31.90
CA ASN A 81 11.78 34.16 32.31
C ASN A 81 11.17 35.47 31.84
N LEU A 82 11.87 36.57 32.05
CA LEU A 82 11.31 37.89 31.75
C LEU A 82 11.61 38.31 30.32
N SER A 83 12.88 38.36 29.99
CA SER A 83 13.38 38.94 28.74
C SER A 83 12.82 38.28 27.49
N SER A 84 12.97 38.98 26.38
CA SER A 84 12.61 38.48 25.06
C SER A 84 13.86 38.10 24.28
N GLU A 85 15.01 38.23 24.93
CA GLU A 85 16.27 37.87 24.28
C GLU A 85 16.35 36.35 24.16
N TRP A 86 16.38 35.87 22.93
CA TRP A 86 16.52 34.44 22.68
C TRP A 86 17.97 34.10 22.46
N SER A 87 18.35 32.90 22.86
CA SER A 87 19.74 32.47 22.80
C SER A 87 20.28 32.43 21.37
N ALA A 88 21.57 32.14 21.27
CA ALA A 88 22.19 31.86 19.99
C ALA A 88 21.60 30.55 19.46
N PRO A 89 21.49 30.42 18.13
CA PRO A 89 20.99 29.16 17.57
C PRO A 89 21.81 27.96 18.05
N SER A 90 21.15 26.84 18.34
CA SER A 90 21.87 25.64 18.70
C SER A 90 22.56 25.07 17.47
N ASP A 91 23.45 24.12 17.67
CA ASP A 91 24.05 23.41 16.55
C ASP A 91 22.96 22.62 15.81
N PRO A 92 23.00 22.67 14.47
CA PRO A 92 22.00 22.04 13.61
C PRO A 92 21.92 20.55 13.84
N LEU A 93 20.71 20.03 13.99
CA LEU A 93 20.53 18.59 14.07
C LEU A 93 20.03 18.08 12.72
N ASP A 94 20.76 17.13 12.13
CA ASP A 94 20.29 16.53 10.90
C ASP A 94 19.40 15.33 11.21
N ILE A 95 18.19 15.36 10.68
CA ILE A 95 17.27 14.25 10.83
C ILE A 95 17.01 13.65 9.46
N LEU A 96 17.17 12.33 9.36
CA LEU A 96 17.03 11.64 8.08
C LEU A 96 15.79 10.76 8.12
N ILE A 97 15.14 10.58 6.98
CA ILE A 97 13.94 9.76 6.89
C ILE A 97 14.18 8.50 6.05
N ALA A 98 13.90 7.35 6.65
CA ALA A 98 14.12 6.07 6.00
C ALA A 98 12.98 5.75 5.03
N GLY A 99 13.20 4.73 4.19
CA GLY A 99 12.19 4.25 3.26
C GLY A 99 11.70 5.30 2.28
N GLN A 100 12.63 5.99 1.65
CA GLN A 100 12.27 7.09 0.76
C GLN A 100 12.79 6.89 -0.66
N PHE A 101 13.18 5.66 -0.97
CA PHE A 101 13.64 5.29 -2.30
C PHE A 101 12.97 3.98 -2.71
N TYR A 102 12.73 3.81 -4.00
CA TYR A 102 12.16 2.57 -4.49
C TYR A 102 13.13 1.42 -4.24
N ASP A 103 14.39 1.62 -4.63
CA ASP A 103 15.40 0.57 -4.53
C ASP A 103 15.67 0.18 -3.08
N ARG A 104 15.87 -1.11 -2.84
CA ARG A 104 16.13 -1.61 -1.50
C ARG A 104 17.54 -2.17 -1.37
N VAL A 105 18.04 -2.20 -0.15
CA VAL A 105 19.39 -2.70 0.12
C VAL A 105 19.39 -3.97 0.97
N SER A 106 20.46 -4.75 0.91
CA SER A 106 20.55 -5.98 1.68
C SER A 106 21.82 -6.04 2.52
N LEU A 107 21.67 -6.45 3.77
CA LEU A 107 22.77 -6.56 4.72
C LEU A 107 23.19 -8.01 4.93
N SER A 108 24.40 -8.36 4.50
CA SER A 108 24.97 -9.69 4.68
C SER A 108 26.18 -9.63 5.61
N VAL A 109 26.71 -10.78 5.99
CA VAL A 109 27.88 -10.84 6.87
C VAL A 109 28.92 -11.79 6.26
N GLN A 110 30.18 -11.33 6.25
CA GLN A 110 31.27 -12.09 5.67
C GLN A 110 31.45 -13.47 6.31
N PRO A 111 31.79 -13.56 7.63
CA PRO A 111 31.88 -14.94 8.13
C PRO A 111 30.51 -15.48 8.53
N GLY A 112 30.09 -15.23 9.76
CA GLY A 112 28.80 -15.68 10.23
C GLY A 112 28.22 -14.82 11.36
N PRO A 113 26.93 -14.99 11.65
CA PRO A 113 26.21 -14.28 12.72
C PRO A 113 26.68 -14.71 14.11
N THR A 114 27.37 -15.84 14.17
CA THR A 114 27.84 -16.41 15.43
C THR A 114 29.37 -16.37 15.53
N VAL A 115 29.88 -15.76 16.60
CA VAL A 115 31.33 -15.66 16.79
C VAL A 115 31.84 -15.74 18.23
N ALA A 116 33.12 -16.10 18.33
CA ALA A 116 33.88 -16.03 19.56
C ALA A 116 34.79 -14.82 19.43
N SER A 117 35.15 -14.18 20.54
CA SER A 117 35.95 -12.95 20.51
C SER A 117 37.22 -13.08 19.66
N GLY A 118 37.67 -11.95 19.12
CA GLY A 118 38.83 -11.93 18.25
C GLY A 118 38.60 -12.28 16.79
N GLU A 119 37.36 -12.49 16.41
CA GLU A 119 37.04 -12.80 15.01
C GLU A 119 36.89 -11.53 14.18
N ASN A 120 37.46 -11.55 12.98
CA ASN A 120 37.32 -10.44 12.04
C ASN A 120 36.09 -10.63 11.17
N VAL A 121 35.05 -9.86 11.44
CA VAL A 121 33.85 -9.91 10.62
C VAL A 121 33.79 -8.68 9.74
N THR A 122 33.12 -8.82 8.59
CA THR A 122 33.06 -7.75 7.60
C THR A 122 31.69 -7.72 6.94
N LEU A 123 30.68 -7.28 7.68
CA LEU A 123 29.32 -7.29 7.16
C LEU A 123 29.14 -6.35 5.98
N LEU A 124 28.40 -6.83 4.98
CA LEU A 124 28.27 -6.16 3.70
C LEU A 124 26.91 -5.49 3.54
N CYS A 125 26.85 -4.49 2.66
CA CYS A 125 25.61 -3.80 2.37
C CYS A 125 25.52 -3.62 0.87
N GLN A 126 24.51 -4.23 0.26
CA GLN A 126 24.43 -4.31 -1.20
C GLN A 126 23.13 -3.72 -1.73
N SER A 127 23.09 -3.48 -3.04
CA SER A 127 21.86 -3.02 -3.70
C SER A 127 22.02 -3.07 -5.21
N GLN A 128 20.95 -3.47 -5.90
CA GLN A 128 20.93 -3.44 -7.35
C GLN A 128 20.76 -2.01 -7.86
N GLY A 129 20.09 -1.19 -7.06
CA GLY A 129 19.89 0.20 -7.44
C GLY A 129 21.07 1.07 -7.05
N TRP A 130 21.19 2.20 -7.73
CA TRP A 130 22.30 3.11 -7.50
C TRP A 130 22.22 3.83 -6.15
N MET A 131 23.29 3.73 -5.39
CA MET A 131 23.44 4.48 -4.14
C MET A 131 24.87 5.03 -4.06
N GLN A 132 25.01 6.24 -3.56
CA GLN A 132 26.34 6.86 -3.42
C GLN A 132 27.05 6.34 -2.18
N THR A 133 26.35 6.40 -1.05
CA THR A 133 26.92 6.00 0.22
C THR A 133 26.00 5.02 0.92
N PHE A 134 26.59 4.22 1.81
CA PHE A 134 25.81 3.30 2.63
C PHE A 134 26.03 3.64 4.09
N LEU A 135 24.95 3.70 4.85
CA LEU A 135 25.06 3.98 6.28
C LEU A 135 24.94 2.68 7.03
N LEU A 136 25.89 2.43 7.93
CA LEU A 136 25.76 1.28 8.82
C LEU A 136 25.41 1.79 10.21
N THR A 137 24.45 1.12 10.84
CA THR A 137 23.96 1.54 12.14
C THR A 137 23.78 0.33 13.04
N LYS A 138 23.58 0.59 14.31
CA LYS A 138 23.35 -0.48 15.25
C LYS A 138 22.24 -0.14 16.21
N GLU A 139 21.33 -1.08 16.46
CA GLU A 139 20.35 -0.91 17.52
C GLU A 139 21.15 -0.85 18.81
N GLY A 140 21.87 0.25 19.00
CA GLY A 140 22.80 0.37 20.10
C GLY A 140 22.45 1.54 20.99
N ALA A 141 23.38 1.93 21.83
CA ALA A 141 23.07 2.92 22.84
C ALA A 141 23.15 4.32 22.28
N ALA A 142 24.13 4.58 21.42
CA ALA A 142 24.44 5.97 21.11
C ALA A 142 25.19 6.33 19.83
N ASP A 143 24.83 7.51 19.34
CA ASP A 143 25.80 8.53 18.92
C ASP A 143 26.16 8.85 17.46
N ASP A 144 25.91 7.99 16.46
CA ASP A 144 26.33 8.24 15.04
C ASP A 144 26.35 7.03 14.09
N PRO A 145 25.69 7.18 12.92
CA PRO A 145 25.78 6.15 11.87
C PRO A 145 27.11 6.19 11.10
N TRP A 146 27.57 5.03 10.62
CA TRP A 146 28.82 4.90 9.86
C TRP A 146 28.66 5.02 8.33
N ARG A 147 28.99 6.17 7.78
CA ARG A 147 28.79 6.39 6.36
C ARG A 147 30.01 6.06 5.49
N LEU A 148 29.88 4.99 4.70
CA LEU A 148 30.93 4.60 3.76
C LEU A 148 30.50 4.84 2.32
N ARG A 149 31.46 4.95 1.40
CA ARG A 149 31.09 5.21 0.01
C ARG A 149 30.92 3.88 -0.74
N SER A 150 30.14 3.89 -1.82
CA SER A 150 29.78 2.65 -2.50
C SER A 150 30.74 2.30 -3.63
N THR A 151 30.82 1.02 -3.94
CA THR A 151 31.63 0.53 -5.04
C THR A 151 30.79 -0.41 -5.90
N TYR A 152 30.86 -0.24 -7.22
CA TYR A 152 30.11 -1.06 -8.15
C TYR A 152 30.82 -2.40 -8.37
N GLN A 153 30.42 -3.42 -7.62
CA GLN A 153 31.07 -4.72 -7.72
C GLN A 153 30.13 -5.82 -8.20
N SER A 154 30.50 -6.44 -9.32
CA SER A 154 29.72 -7.53 -9.91
C SER A 154 28.30 -7.10 -10.26
N GLN A 155 28.17 -6.03 -11.07
CA GLN A 155 26.87 -5.46 -11.40
C GLN A 155 25.96 -5.29 -10.17
N LYS A 156 26.54 -4.71 -9.12
CA LYS A 156 25.91 -4.64 -7.81
C LYS A 156 26.66 -3.67 -6.90
N TYR A 157 26.01 -2.58 -6.52
CA TYR A 157 26.67 -1.56 -5.69
C TYR A 157 26.81 -2.09 -4.27
N GLN A 158 27.91 -1.77 -3.60
CA GLN A 158 28.15 -2.31 -2.27
C GLN A 158 29.22 -1.56 -1.48
N ALA A 159 29.35 -1.90 -0.20
CA ALA A 159 30.39 -1.34 0.66
C ALA A 159 30.68 -2.26 1.85
N GLU A 160 31.93 -2.71 1.98
CA GLU A 160 32.30 -3.57 3.10
C GLU A 160 32.58 -2.75 4.37
N PHE A 161 32.02 -3.21 5.49
CA PHE A 161 32.21 -2.56 6.77
C PHE A 161 33.02 -3.43 7.74
N PRO A 162 34.34 -3.20 7.80
CA PRO A 162 35.23 -3.98 8.66
C PRO A 162 34.96 -3.76 10.14
N MET A 163 34.96 -4.83 10.92
CA MET A 163 34.82 -4.71 12.37
C MET A 163 36.09 -5.22 13.07
N GLY A 164 36.91 -5.92 12.30
CA GLY A 164 38.16 -6.50 12.77
C GLY A 164 38.00 -7.41 13.98
N PRO A 165 38.98 -7.40 14.88
CA PRO A 165 38.93 -8.23 16.09
C PRO A 165 37.75 -7.82 16.97
N VAL A 166 36.80 -8.73 17.11
CA VAL A 166 35.54 -8.42 17.77
C VAL A 166 35.61 -8.65 19.28
N THR A 167 34.82 -7.88 20.01
CA THR A 167 34.72 -8.00 21.46
C THR A 167 33.26 -8.04 21.87
N SER A 168 33.01 -8.48 23.10
CA SER A 168 31.67 -8.55 23.68
C SER A 168 30.84 -7.29 23.47
N ALA A 169 31.51 -6.15 23.38
CA ALA A 169 30.83 -4.87 23.20
C ALA A 169 30.23 -4.69 21.80
N HIS A 170 30.23 -5.77 20.99
CA HIS A 170 29.93 -5.70 19.55
C HIS A 170 28.66 -6.39 19.09
N ALA A 171 28.19 -7.27 19.92
CA ALA A 171 27.32 -8.38 19.56
C ALA A 171 25.88 -7.91 19.57
N GLY A 172 25.62 -6.79 18.90
CA GLY A 172 24.29 -6.19 18.90
C GLY A 172 23.54 -6.34 17.60
N THR A 173 22.48 -5.57 17.41
CA THR A 173 21.65 -5.66 16.20
C THR A 173 21.99 -4.59 15.16
N TYR A 174 22.20 -5.03 13.92
CA TYR A 174 22.67 -4.12 12.86
C TYR A 174 21.66 -3.82 11.76
N ARG A 175 21.93 -2.74 11.05
CA ARG A 175 21.08 -2.26 9.96
C ARG A 175 21.91 -1.42 9.01
N CYS A 176 21.63 -1.48 7.70
CA CYS A 176 22.32 -0.57 6.79
C CYS A 176 21.31 0.16 5.89
N TYR A 177 21.69 1.34 5.43
CA TYR A 177 20.83 2.15 4.57
C TYR A 177 21.62 2.60 3.34
N GLY A 178 20.90 2.95 2.29
CA GLY A 178 21.49 3.52 1.10
C GLY A 178 21.23 5.00 1.08
N SER A 179 22.04 5.74 0.33
CA SER A 179 21.93 7.19 0.33
C SER A 179 22.37 7.80 -1.00
N GLN A 180 21.76 8.92 -1.34
CA GLN A 180 22.15 9.73 -2.48
C GLN A 180 22.35 11.17 -2.02
N SER A 181 23.39 11.84 -2.50
CA SER A 181 23.71 13.17 -2.00
C SER A 181 22.73 14.25 -2.48
N SER A 182 21.98 13.97 -3.56
CA SER A 182 20.97 14.92 -4.03
C SER A 182 19.82 15.03 -3.03
N LYS A 183 19.63 13.97 -2.26
CA LYS A 183 18.64 13.96 -1.19
C LYS A 183 19.32 13.63 0.13
N PRO A 184 19.93 14.65 0.76
CA PRO A 184 20.77 14.53 1.96
C PRO A 184 20.03 13.87 3.14
N TYR A 185 18.80 14.28 3.38
CA TYR A 185 18.05 13.83 4.55
C TYR A 185 17.10 12.69 4.26
N LEU A 186 17.28 12.03 3.12
CA LEU A 186 16.45 10.88 2.74
C LEU A 186 17.29 9.62 2.68
N LEU A 187 16.75 8.53 3.22
CA LEU A 187 17.43 7.25 3.21
C LEU A 187 16.57 6.17 2.59
N THR A 188 17.23 5.18 2.03
CA THR A 188 16.53 4.03 1.46
C THR A 188 15.78 3.27 2.56
N HIS A 189 14.98 2.30 2.16
CA HIS A 189 14.34 1.40 3.12
C HIS A 189 15.43 0.70 3.94
N PRO A 190 15.24 0.57 5.26
CA PRO A 190 16.20 -0.19 6.05
C PRO A 190 16.36 -1.61 5.52
N SER A 191 17.49 -2.23 5.80
CA SER A 191 17.69 -3.62 5.43
C SER A 191 17.21 -4.46 6.60
N ASP A 192 17.08 -5.76 6.39
CA ASP A 192 16.70 -6.66 7.48
C ASP A 192 17.81 -6.68 8.53
N PRO A 193 17.43 -6.71 9.82
CA PRO A 193 18.39 -6.75 10.92
C PRO A 193 19.35 -7.93 10.79
N LEU A 194 20.58 -7.74 11.22
CA LEU A 194 21.58 -8.80 11.23
C LEU A 194 22.00 -9.04 12.68
N GLU A 195 21.79 -10.25 13.18
CA GLU A 195 22.17 -10.57 14.55
C GLU A 195 23.58 -11.10 14.71
N LEU A 196 24.35 -10.42 15.55
CA LEU A 196 25.65 -10.90 15.99
C LEU A 196 25.52 -11.49 17.38
N VAL B 1 13.41 -23.20 20.50
CA VAL B 1 12.94 -24.56 20.27
C VAL B 1 13.72 -25.11 19.08
N SER B 2 13.05 -25.69 18.10
CA SER B 2 13.75 -26.17 16.91
C SER B 2 13.84 -25.04 15.88
N LYS B 3 14.55 -25.30 14.78
CA LYS B 3 14.72 -24.30 13.73
C LYS B 3 13.39 -23.87 13.10
N LYS B 4 13.06 -22.59 13.26
CA LYS B 4 11.84 -22.04 12.68
C LYS B 4 11.79 -22.34 11.18
N PRO B 5 10.59 -22.60 10.67
CA PRO B 5 10.36 -22.82 9.23
C PRO B 5 10.38 -21.51 8.48
N SER B 6 10.23 -21.57 7.15
CA SER B 6 10.14 -20.38 6.34
C SER B 6 8.72 -20.25 5.77
N LEU B 7 8.10 -19.10 6.00
CA LEU B 7 6.76 -18.86 5.48
C LEU B 7 6.80 -17.83 4.35
N SER B 8 6.52 -18.29 3.14
CA SER B 8 6.45 -17.41 1.97
C SER B 8 5.09 -17.48 1.29
N VAL B 9 4.75 -16.42 0.56
CA VAL B 9 3.52 -16.40 -0.23
C VAL B 9 3.94 -16.28 -1.70
N GLN B 10 3.22 -17.00 -2.56
CA GLN B 10 3.58 -17.08 -3.97
C GLN B 10 3.62 -15.75 -4.76
N PRO B 11 2.47 -15.12 -5.13
CA PRO B 11 2.90 -14.00 -5.98
C PRO B 11 3.06 -12.70 -5.19
N GLY B 12 2.46 -12.66 -4.01
CA GLY B 12 2.54 -11.50 -3.14
C GLY B 12 1.57 -11.67 -1.98
N PRO B 13 1.67 -10.82 -0.96
CA PRO B 13 0.79 -10.89 0.21
C PRO B 13 -0.61 -10.34 -0.04
N ILE B 14 -0.80 -9.66 -1.18
CA ILE B 14 -2.06 -8.99 -1.48
C ILE B 14 -3.03 -9.84 -2.29
N VAL B 15 -4.16 -10.19 -1.69
CA VAL B 15 -5.18 -11.00 -2.37
C VAL B 15 -6.54 -10.30 -2.41
N ALA B 16 -7.20 -10.37 -3.56
CA ALA B 16 -8.53 -9.80 -3.73
C ALA B 16 -9.60 -10.75 -3.22
N PRO B 17 -10.74 -10.20 -2.73
CA PRO B 17 -11.86 -11.05 -2.29
C PRO B 17 -12.29 -12.01 -3.39
N GLU B 18 -12.69 -13.23 -3.03
CA GLU B 18 -13.04 -14.31 -3.98
C GLU B 18 -11.83 -14.98 -4.63
N GLU B 19 -10.63 -14.47 -4.38
CA GLU B 19 -9.42 -15.06 -4.95
C GLU B 19 -8.74 -16.05 -4.01
N THR B 20 -7.66 -16.62 -4.51
CA THR B 20 -6.87 -17.63 -3.82
C THR B 20 -5.37 -17.37 -3.93
N LEU B 21 -4.65 -17.50 -2.82
CA LEU B 21 -3.20 -17.60 -2.89
C LEU B 21 -2.67 -18.69 -1.96
N THR B 22 -1.55 -19.28 -2.34
CA THR B 22 -0.98 -20.39 -1.59
C THR B 22 0.27 -19.95 -0.84
N LEU B 23 0.45 -20.49 0.37
CA LEU B 23 1.60 -20.18 1.21
C LEU B 23 2.51 -21.39 1.32
N GLN B 24 3.82 -21.18 1.19
CA GLN B 24 4.77 -22.28 1.29
C GLN B 24 5.42 -22.29 2.67
N CYS B 25 5.33 -23.42 3.35
CA CYS B 25 5.97 -23.57 4.64
C CYS B 25 7.05 -24.64 4.51
N GLY B 26 8.30 -24.21 4.45
CA GLY B 26 9.40 -25.12 4.23
C GLY B 26 10.54 -24.99 5.23
N SER B 27 11.43 -25.96 5.21
CA SER B 27 12.59 -26.00 6.09
C SER B 27 13.63 -26.98 5.55
N ASP B 28 14.82 -26.93 6.12
CA ASP B 28 15.85 -27.91 5.82
C ASP B 28 16.17 -28.79 7.02
N ALA B 29 15.40 -28.63 8.10
CA ALA B 29 15.63 -29.39 9.33
C ALA B 29 14.97 -30.75 9.29
N GLY B 30 14.43 -31.12 8.14
CA GLY B 30 13.85 -32.43 7.95
C GLY B 30 12.61 -32.64 8.80
N TYR B 31 11.66 -31.74 8.70
CA TYR B 31 10.41 -31.91 9.40
C TYR B 31 9.56 -32.77 8.47
N ASN B 32 8.53 -33.43 9.00
CA ASN B 32 7.71 -34.28 8.14
C ASN B 32 6.28 -33.80 8.02
N ARG B 33 5.94 -32.78 8.79
CA ARG B 33 4.65 -32.12 8.66
C ARG B 33 4.77 -30.65 9.11
N PHE B 34 3.81 -29.83 8.69
CA PHE B 34 3.78 -28.44 9.10
C PHE B 34 2.36 -28.04 9.48
N VAL B 35 2.25 -27.06 10.37
CA VAL B 35 0.93 -26.60 10.81
C VAL B 35 0.82 -25.09 10.69
N LEU B 36 -0.30 -24.62 10.16
CA LEU B 36 -0.53 -23.21 9.94
C LEU B 36 -1.44 -22.56 11.00
N TYR B 37 -1.00 -21.43 11.52
CA TYR B 37 -1.78 -20.64 12.47
C TYR B 37 -1.99 -19.22 11.97
N LYS B 38 -3.03 -18.56 12.47
CA LYS B 38 -3.27 -17.15 12.18
C LYS B 38 -3.23 -16.32 13.47
N ASP B 39 -2.45 -15.24 13.47
CA ASP B 39 -2.37 -14.35 14.62
C ASP B 39 -3.77 -13.89 15.02
N GLY B 40 -4.11 -14.15 16.28
CA GLY B 40 -5.41 -13.80 16.81
C GLY B 40 -6.42 -14.88 16.51
N GLU B 41 -5.95 -16.12 16.43
CA GLU B 41 -6.83 -17.23 16.13
C GLU B 41 -6.23 -18.48 16.75
N ARG B 42 -6.92 -19.02 17.75
CA ARG B 42 -6.38 -20.10 18.59
C ARG B 42 -6.15 -21.41 17.86
N ASP B 43 -7.18 -21.88 17.17
CA ASP B 43 -7.15 -23.19 16.53
C ASP B 43 -6.30 -23.13 15.26
N PHE B 44 -5.63 -24.22 14.93
CA PHE B 44 -4.81 -24.23 13.73
C PHE B 44 -5.73 -24.24 12.52
N LEU B 45 -5.25 -23.66 11.42
CA LEU B 45 -6.04 -23.59 10.21
C LEU B 45 -5.83 -24.87 9.43
N GLN B 46 -4.57 -25.23 9.21
CA GLN B 46 -4.25 -26.38 8.40
C GLN B 46 -3.12 -27.23 8.98
N LEU B 47 -3.08 -28.46 8.52
CA LEU B 47 -2.06 -29.44 8.89
C LEU B 47 -1.81 -30.21 7.62
N ALA B 48 -0.55 -30.24 7.19
CA ALA B 48 -0.23 -30.82 5.91
C ALA B 48 0.82 -31.87 6.10
N GLY B 49 1.45 -32.26 5.02
CA GLY B 49 2.43 -33.31 5.13
C GLY B 49 3.59 -33.02 4.22
N ALA B 50 4.74 -33.50 4.66
CA ALA B 50 5.97 -33.30 3.93
C ALA B 50 6.64 -34.63 3.97
N GLN B 51 6.64 -35.30 2.83
CA GLN B 51 7.23 -36.62 2.76
C GLN B 51 8.37 -36.53 1.79
N PRO B 52 9.44 -35.81 2.18
CA PRO B 52 10.48 -35.63 1.19
C PRO B 52 11.48 -36.75 1.30
N GLN B 53 12.27 -36.88 0.26
CA GLN B 53 13.17 -38.00 0.15
C GLN B 53 14.38 -37.81 1.08
N ALA B 54 15.15 -36.74 0.89
CA ALA B 54 16.27 -36.47 1.78
C ALA B 54 15.92 -35.32 2.69
N GLY B 55 15.65 -34.17 2.08
CA GLY B 55 15.31 -32.98 2.84
C GLY B 55 14.71 -31.82 2.08
N LEU B 56 13.55 -32.04 1.46
CA LEU B 56 12.80 -30.96 0.83
C LEU B 56 12.05 -30.24 1.95
N SER B 57 11.32 -31.04 2.74
CA SER B 57 10.60 -30.57 3.92
C SER B 57 9.79 -29.33 3.65
N GLN B 58 8.72 -29.46 2.88
CA GLN B 58 7.98 -28.28 2.49
C GLN B 58 6.50 -28.63 2.36
N ALA B 59 5.64 -27.65 2.61
CA ALA B 59 4.20 -27.85 2.49
C ALA B 59 3.47 -26.62 1.98
N ASN B 60 2.60 -26.79 0.99
CA ASN B 60 1.82 -25.69 0.49
C ASN B 60 0.49 -25.60 1.21
N PHE B 61 0.19 -24.42 1.76
CA PHE B 61 -1.11 -24.17 2.37
C PHE B 61 -1.87 -23.20 1.49
N THR B 62 -3.14 -23.50 1.20
CA THR B 62 -3.94 -22.61 0.37
C THR B 62 -5.05 -21.97 1.18
N LEU B 63 -5.09 -20.64 1.15
CA LEU B 63 -6.14 -19.91 1.83
C LEU B 63 -7.25 -19.68 0.82
N GLY B 64 -8.31 -20.48 1.00
CA GLY B 64 -9.42 -20.55 0.07
C GLY B 64 -10.25 -19.30 0.09
N PRO B 65 -11.16 -19.15 -0.89
CA PRO B 65 -12.01 -17.99 -1.20
C PRO B 65 -11.97 -16.92 -0.12
N VAL B 66 -11.06 -15.96 -0.26
CA VAL B 66 -10.77 -15.06 0.84
C VAL B 66 -11.84 -13.98 1.04
N SER B 67 -11.93 -13.50 2.27
CA SER B 67 -12.80 -12.40 2.64
C SER B 67 -12.01 -11.43 3.51
N ARG B 68 -12.63 -10.31 3.89
CA ARG B 68 -12.02 -9.36 4.81
C ARG B 68 -11.36 -10.01 6.04
N SER B 69 -12.03 -11.01 6.60
CA SER B 69 -11.57 -11.64 7.83
C SER B 69 -10.27 -12.45 7.66
N TYR B 70 -9.78 -12.58 6.44
CA TYR B 70 -8.54 -13.32 6.19
C TYR B 70 -7.30 -12.43 6.37
N GLY B 71 -7.52 -11.13 6.53
CA GLY B 71 -6.43 -10.19 6.70
C GLY B 71 -5.76 -10.33 8.05
N GLY B 72 -4.43 -10.37 8.06
CA GLY B 72 -3.70 -10.44 9.31
C GLY B 72 -2.35 -11.11 9.17
N GLN B 73 -1.88 -11.71 10.25
CA GLN B 73 -0.56 -12.33 10.24
C GLN B 73 -0.64 -13.84 10.36
N TYR B 74 0.08 -14.53 9.47
CA TYR B 74 0.10 -15.99 9.47
C TYR B 74 1.50 -16.47 9.79
N ARG B 75 1.58 -17.56 10.56
CA ARG B 75 2.87 -18.19 10.85
C ARG B 75 2.70 -19.70 10.94
N CYS B 76 3.77 -20.45 10.70
CA CYS B 76 3.69 -21.92 10.73
C CYS B 76 4.78 -22.61 11.54
N TYR B 77 4.57 -23.88 11.81
CA TYR B 77 5.46 -24.67 12.64
C TYR B 77 5.82 -25.99 11.98
N GLY B 78 6.97 -26.55 12.36
CA GLY B 78 7.41 -27.83 11.83
C GLY B 78 7.65 -28.84 12.93
N ALA B 79 7.46 -30.12 12.62
CA ALA B 79 7.72 -31.18 13.58
C ALA B 79 8.35 -32.37 12.89
N HIS B 80 9.03 -33.21 13.67
CA HIS B 80 9.67 -34.41 13.14
C HIS B 80 8.80 -35.64 13.31
N ASN B 81 9.13 -36.71 12.60
CA ASN B 81 8.41 -37.97 12.65
C ASN B 81 8.18 -38.46 14.09
N LEU B 82 9.22 -38.41 14.89
CA LEU B 82 9.16 -38.97 16.24
C LEU B 82 8.66 -38.00 17.30
N SER B 83 9.38 -36.90 17.49
CA SER B 83 9.10 -35.95 18.59
C SER B 83 7.72 -35.29 18.50
N SER B 84 7.27 -34.74 19.61
CA SER B 84 6.04 -33.95 19.64
C SER B 84 6.40 -32.47 19.74
N GLU B 85 7.70 -32.19 19.77
CA GLU B 85 8.20 -30.82 19.83
C GLU B 85 8.04 -30.12 18.49
N TRP B 86 7.30 -29.02 18.50
CA TRP B 86 7.10 -28.23 17.31
C TRP B 86 8.15 -27.14 17.30
N SER B 87 8.64 -26.79 16.11
CA SER B 87 9.72 -25.84 15.97
C SER B 87 9.31 -24.45 16.47
N ALA B 88 10.27 -23.54 16.45
CA ALA B 88 9.99 -22.13 16.73
C ALA B 88 9.11 -21.59 15.61
N PRO B 89 8.23 -20.64 15.94
CA PRO B 89 7.37 -20.01 14.92
C PRO B 89 8.19 -19.43 13.78
N SER B 90 7.69 -19.56 12.54
CA SER B 90 8.32 -18.91 11.41
C SER B 90 8.14 -17.41 11.54
N ASP B 91 8.85 -16.64 10.73
CA ASP B 91 8.63 -15.20 10.73
C ASP B 91 7.18 -14.96 10.29
N PRO B 92 6.46 -14.08 11.00
CA PRO B 92 5.04 -13.82 10.73
C PRO B 92 4.81 -13.32 9.30
N LEU B 93 3.83 -13.88 8.61
CA LEU B 93 3.46 -13.37 7.28
C LEU B 93 2.24 -12.47 7.32
N ASP B 94 2.39 -11.26 6.81
CA ASP B 94 1.26 -10.35 6.72
C ASP B 94 0.50 -10.60 5.43
N ILE B 95 -0.81 -10.87 5.53
CA ILE B 95 -1.65 -11.05 4.35
C ILE B 95 -2.72 -9.97 4.30
N LEU B 96 -2.76 -9.25 3.18
CA LEU B 96 -3.68 -8.12 3.05
C LEU B 96 -4.76 -8.38 2.01
N ILE B 97 -5.93 -7.79 2.25
CA ILE B 97 -7.07 -7.99 1.36
C ILE B 97 -7.41 -6.70 0.63
N ALA B 98 -7.43 -6.75 -0.70
CA ALA B 98 -7.73 -5.58 -1.51
C ALA B 98 -9.24 -5.32 -1.55
N GLY B 99 -9.62 -4.15 -2.08
CA GLY B 99 -11.03 -3.80 -2.26
C GLY B 99 -11.85 -3.78 -0.98
N GLN B 100 -11.34 -3.10 0.04
CA GLN B 100 -11.97 -3.06 1.35
C GLN B 100 -12.31 -1.65 1.80
N PHE B 101 -12.35 -0.73 0.84
CA PHE B 101 -12.74 0.65 1.08
C PHE B 101 -13.66 1.11 -0.03
N TYR B 102 -14.57 2.03 0.28
CA TYR B 102 -15.46 2.56 -0.75
C TYR B 102 -14.66 3.31 -1.81
N ASP B 103 -13.79 4.19 -1.37
CA ASP B 103 -13.00 5.07 -2.25
C ASP B 103 -12.02 4.30 -3.15
N ARG B 104 -11.80 4.84 -4.34
CA ARG B 104 -10.94 4.23 -5.34
C ARG B 104 -9.63 5.00 -5.50
N VAL B 105 -8.59 4.32 -5.99
CA VAL B 105 -7.30 4.96 -6.24
C VAL B 105 -6.95 4.95 -7.72
N SER B 106 -6.09 5.89 -8.13
CA SER B 106 -5.67 6.00 -9.52
C SER B 106 -4.15 6.11 -9.66
N LEU B 107 -3.60 5.39 -10.63
CA LEU B 107 -2.16 5.39 -10.86
C LEU B 107 -1.81 6.27 -12.05
N SER B 108 -1.11 7.36 -11.80
CA SER B 108 -0.67 8.24 -12.88
C SER B 108 0.83 8.19 -12.99
N VAL B 109 1.38 8.62 -14.12
CA VAL B 109 2.83 8.65 -14.26
C VAL B 109 3.32 9.85 -15.05
N GLN B 110 4.32 10.55 -14.50
CA GLN B 110 4.96 11.64 -15.22
C GLN B 110 6.37 11.18 -15.53
N PRO B 111 6.76 11.17 -16.82
CA PRO B 111 6.00 11.45 -18.04
C PRO B 111 5.23 10.22 -18.50
N GLY B 112 4.91 10.14 -19.78
CA GLY B 112 4.15 9.03 -20.34
C GLY B 112 4.55 7.62 -19.97
N PRO B 113 3.71 6.63 -20.33
CA PRO B 113 3.95 5.23 -20.00
C PRO B 113 5.16 4.62 -20.71
N THR B 114 5.60 5.24 -21.80
CA THR B 114 6.74 4.73 -22.57
C THR B 114 7.91 5.69 -22.45
N VAL B 115 9.05 5.16 -21.99
CA VAL B 115 10.22 5.99 -21.78
C VAL B 115 11.50 5.25 -22.14
N ALA B 116 12.56 6.01 -22.38
CA ALA B 116 13.87 5.43 -22.63
C ALA B 116 14.71 5.50 -21.36
N SER B 117 15.61 4.54 -21.20
CA SER B 117 16.42 4.45 -19.99
C SER B 117 17.17 5.75 -19.69
N GLY B 118 17.43 5.99 -18.41
CA GLY B 118 18.05 7.23 -17.97
C GLY B 118 17.06 8.37 -17.80
N GLU B 119 15.78 8.08 -18.01
CA GLU B 119 14.73 9.08 -17.83
C GLU B 119 14.24 9.16 -16.39
N ASN B 120 13.94 10.38 -15.97
CA ASN B 120 13.41 10.61 -14.63
C ASN B 120 11.89 10.45 -14.62
N VAL B 121 11.37 9.33 -14.10
CA VAL B 121 9.91 9.19 -14.02
C VAL B 121 9.41 9.30 -12.58
N THR B 122 8.17 9.76 -12.43
CA THR B 122 7.60 10.01 -11.11
C THR B 122 6.12 9.65 -11.05
N LEU B 123 5.82 8.35 -11.02
CA LEU B 123 4.44 7.87 -11.05
C LEU B 123 3.64 8.28 -9.79
N LEU B 124 2.37 8.65 -10.01
CA LEU B 124 1.52 9.19 -8.96
C LEU B 124 0.42 8.21 -8.53
N CYS B 125 -0.09 8.38 -7.31
CA CYS B 125 -1.18 7.56 -6.80
C CYS B 125 -2.17 8.46 -6.07
N GLN B 126 -3.39 8.51 -6.59
CA GLN B 126 -4.37 9.51 -6.16
C GLN B 126 -5.69 8.94 -5.65
N SER B 127 -6.47 9.79 -4.99
CA SER B 127 -7.80 9.41 -4.52
C SER B 127 -8.62 10.60 -3.96
N GLN B 128 -9.92 10.61 -4.24
CA GLN B 128 -10.81 11.63 -3.67
C GLN B 128 -11.09 11.38 -2.19
N GLY B 129 -11.09 10.10 -1.82
CA GLY B 129 -11.32 9.73 -0.45
C GLY B 129 -10.05 9.81 0.37
N TRP B 130 -10.21 9.89 1.68
CA TRP B 130 -9.08 9.98 2.60
C TRP B 130 -8.29 8.68 2.67
N MET B 131 -6.98 8.79 2.48
CA MET B 131 -6.06 7.66 2.68
C MET B 131 -4.81 8.13 3.43
N GLN B 132 -4.31 7.31 4.34
CA GLN B 132 -3.12 7.69 5.10
C GLN B 132 -1.87 7.48 4.27
N THR B 133 -1.76 6.28 3.71
CA THR B 133 -0.61 5.90 2.92
C THR B 133 -1.03 5.30 1.59
N PHE B 134 -0.13 5.34 0.61
CA PHE B 134 -0.36 4.67 -0.66
C PHE B 134 0.73 3.63 -0.88
N LEU B 135 0.32 2.43 -1.30
CA LEU B 135 1.28 1.39 -1.60
C LEU B 135 1.51 1.30 -3.08
N LEU B 136 2.77 1.28 -3.49
CA LEU B 136 3.08 1.03 -4.89
C LEU B 136 3.61 -0.38 -5.00
N THR B 137 3.16 -1.11 -6.02
CA THR B 137 3.53 -2.51 -6.16
C THR B 137 3.86 -2.80 -7.61
N LYS B 138 4.57 -3.89 -7.85
CA LYS B 138 4.87 -4.31 -9.21
C LYS B 138 4.72 -5.82 -9.33
N GLU B 139 4.14 -6.29 -10.42
CA GLU B 139 4.10 -7.71 -10.70
C GLU B 139 5.54 -8.17 -10.90
N GLY B 140 5.97 -9.15 -10.12
CA GLY B 140 7.35 -9.60 -10.18
C GLY B 140 7.93 -10.04 -8.85
N ALA B 141 9.12 -9.54 -8.54
CA ALA B 141 9.84 -9.94 -7.34
C ALA B 141 9.52 -8.98 -6.20
N ALA B 142 8.49 -8.16 -6.39
CA ALA B 142 8.19 -7.10 -5.45
C ALA B 142 7.70 -7.70 -4.13
N ASP B 143 8.65 -8.15 -3.32
CA ASP B 143 8.34 -8.75 -2.03
C ASP B 143 7.92 -7.66 -1.07
N ASP B 144 8.62 -6.54 -1.15
CA ASP B 144 8.29 -5.40 -0.31
C ASP B 144 8.15 -4.21 -1.23
N PRO B 145 6.90 -3.74 -1.37
CA PRO B 145 6.39 -2.59 -2.12
C PRO B 145 6.67 -1.28 -1.40
N TRP B 146 6.67 -0.18 -2.15
CA TRP B 146 6.99 1.11 -1.57
C TRP B 146 5.74 1.75 -0.97
N ARG B 147 5.61 1.63 0.35
CA ARG B 147 4.49 2.18 1.08
C ARG B 147 4.84 3.61 1.47
N LEU B 148 4.27 4.57 0.74
CA LEU B 148 4.45 5.98 1.02
C LEU B 148 3.17 6.62 1.55
N ARG B 149 3.36 7.75 2.22
CA ARG B 149 2.29 8.48 2.89
C ARG B 149 1.68 9.55 1.99
N SER B 150 0.42 9.90 2.25
CA SER B 150 -0.32 10.76 1.34
C SER B 150 -0.20 12.24 1.71
N THR B 151 -0.41 13.10 0.71
CA THR B 151 -0.44 14.54 0.94
C THR B 151 -1.69 15.12 0.26
N TYR B 152 -2.40 15.97 0.98
CA TYR B 152 -3.58 16.65 0.48
C TYR B 152 -3.17 17.86 -0.35
N GLN B 153 -3.05 17.64 -1.65
CA GLN B 153 -2.65 18.67 -2.60
C GLN B 153 -3.81 18.85 -3.55
N SER B 154 -4.36 20.07 -3.62
CA SER B 154 -5.47 20.37 -4.53
C SER B 154 -6.74 19.55 -4.24
N GLN B 155 -7.26 19.67 -3.02
CA GLN B 155 -8.46 18.95 -2.57
C GLN B 155 -8.50 17.48 -2.92
N LYS B 156 -7.37 16.79 -2.81
CA LYS B 156 -7.30 15.48 -3.41
C LYS B 156 -6.03 14.79 -2.97
N TYR B 157 -6.17 13.67 -2.25
CA TYR B 157 -5.04 12.99 -1.66
C TYR B 157 -4.16 12.31 -2.70
N GLN B 158 -2.85 12.34 -2.45
CA GLN B 158 -1.89 11.79 -3.40
C GLN B 158 -0.54 11.55 -2.75
N ALA B 159 0.30 10.83 -3.46
CA ALA B 159 1.67 10.59 -3.02
C ALA B 159 2.51 10.29 -4.24
N GLU B 160 3.52 11.11 -4.47
CA GLU B 160 4.41 10.92 -5.59
C GLU B 160 5.43 9.86 -5.28
N PHE B 161 5.67 8.97 -6.22
CA PHE B 161 6.70 7.95 -6.03
C PHE B 161 7.85 8.25 -7.00
N PRO B 162 8.85 9.02 -6.55
CA PRO B 162 9.98 9.32 -7.44
C PRO B 162 10.83 8.09 -7.70
N MET B 163 11.19 7.87 -8.95
CA MET B 163 12.06 6.75 -9.31
C MET B 163 13.42 7.26 -9.78
N GLY B 164 13.50 8.56 -10.05
CA GLY B 164 14.73 9.17 -10.50
C GLY B 164 15.20 8.48 -11.78
N PRO B 165 16.51 8.26 -11.89
CA PRO B 165 17.06 7.58 -13.08
C PRO B 165 16.51 6.17 -13.23
N VAL B 166 15.78 5.93 -14.30
CA VAL B 166 15.12 4.65 -14.52
C VAL B 166 16.09 3.71 -15.23
N THR B 167 15.96 2.41 -14.98
CA THR B 167 16.80 1.41 -15.64
C THR B 167 15.86 0.40 -16.27
N SER B 168 16.37 -0.39 -17.21
CA SER B 168 15.56 -1.42 -17.86
C SER B 168 14.81 -2.32 -16.87
N ALA B 169 15.40 -2.51 -15.69
CA ALA B 169 14.83 -3.32 -14.62
C ALA B 169 13.63 -2.67 -13.89
N HIS B 170 12.97 -1.71 -14.53
CA HIS B 170 11.79 -1.06 -13.96
C HIS B 170 10.50 -1.27 -14.76
N ALA B 171 10.65 -1.65 -16.02
CA ALA B 171 9.54 -1.73 -16.98
C ALA B 171 8.53 -2.86 -16.74
N GLY B 172 8.11 -3.08 -15.50
CA GLY B 172 7.08 -4.07 -15.24
C GLY B 172 5.69 -3.47 -15.13
N THR B 173 4.77 -4.22 -14.55
CA THR B 173 3.39 -3.77 -14.36
C THR B 173 3.21 -3.20 -12.96
N TYR B 174 2.70 -1.97 -12.86
CA TYR B 174 2.58 -1.32 -11.55
C TYR B 174 1.11 -1.19 -11.16
N ARG B 175 0.87 -1.06 -9.85
CA ARG B 175 -0.46 -0.90 -9.27
C ARG B 175 -0.32 -0.24 -7.92
N CYS B 176 -1.28 0.59 -7.55
CA CYS B 176 -1.21 1.20 -6.24
C CYS B 176 -2.51 1.00 -5.46
N TYR B 177 -2.37 1.02 -4.14
CA TYR B 177 -3.49 0.84 -3.23
C TYR B 177 -3.46 1.96 -2.19
N GLY B 178 -4.60 2.19 -1.55
CA GLY B 178 -4.70 3.12 -0.45
C GLY B 178 -4.76 2.34 0.85
N SER B 179 -4.47 2.99 1.96
CA SER B 179 -4.39 2.31 3.26
C SER B 179 -4.77 3.22 4.42
N GLN B 180 -5.41 2.65 5.43
CA GLN B 180 -5.67 3.35 6.69
C GLN B 180 -5.12 2.51 7.85
N SER B 181 -4.41 3.16 8.77
CA SER B 181 -3.69 2.44 9.82
C SER B 181 -4.61 1.81 10.84
N SER B 182 -5.84 2.30 10.92
CA SER B 182 -6.85 1.69 11.77
C SER B 182 -7.18 0.30 11.24
N LYS B 183 -6.96 0.10 9.95
CA LYS B 183 -7.15 -1.21 9.33
C LYS B 183 -5.86 -1.65 8.63
N PRO B 184 -4.90 -2.19 9.41
CA PRO B 184 -3.55 -2.54 8.95
C PRO B 184 -3.51 -3.52 7.78
N TYR B 185 -4.33 -4.56 7.83
CA TYR B 185 -4.27 -5.63 6.85
C TYR B 185 -5.31 -5.48 5.73
N LEU B 186 -5.85 -4.27 5.60
CA LEU B 186 -6.84 -3.98 4.57
C LEU B 186 -6.34 -2.98 3.52
N LEU B 187 -6.64 -3.25 2.26
CA LEU B 187 -6.26 -2.35 1.18
C LEU B 187 -7.48 -1.98 0.34
N THR B 188 -7.44 -0.78 -0.23
CA THR B 188 -8.49 -0.34 -1.15
C THR B 188 -8.50 -1.18 -2.43
N HIS B 189 -9.48 -0.94 -3.30
CA HIS B 189 -9.50 -1.57 -4.62
C HIS B 189 -8.22 -1.25 -5.36
N PRO B 190 -7.65 -2.23 -6.08
CA PRO B 190 -6.47 -1.97 -6.91
C PRO B 190 -6.71 -0.83 -7.89
N SER B 191 -5.64 -0.17 -8.32
CA SER B 191 -5.77 0.83 -9.35
C SER B 191 -5.61 0.11 -10.66
N ASP B 192 -5.92 0.77 -11.76
CA ASP B 192 -5.74 0.14 -13.07
C ASP B 192 -4.25 -0.10 -13.24
N PRO B 193 -3.88 -1.25 -13.82
CA PRO B 193 -2.46 -1.52 -14.03
C PRO B 193 -1.80 -0.41 -14.85
N LEU B 194 -0.56 -0.09 -14.51
CA LEU B 194 0.20 0.88 -15.28
C LEU B 194 1.38 0.13 -15.85
N GLU B 195 1.43 0.04 -17.17
CA GLU B 195 2.52 -0.65 -17.83
C GLU B 195 3.59 0.38 -18.19
N LEU B 196 4.82 0.11 -17.75
CA LEU B 196 5.95 0.97 -18.08
C LEU B 196 6.70 0.43 -19.30
N VAL C 1 -4.54 -5.20 -33.69
CA VAL C 1 -3.89 -5.24 -32.38
C VAL C 1 -3.18 -3.91 -32.13
N SER C 2 -3.92 -2.82 -32.34
CA SER C 2 -3.43 -1.46 -32.08
C SER C 2 -3.74 -1.06 -30.65
N LYS C 3 -3.38 0.17 -30.27
CA LYS C 3 -3.63 0.64 -28.91
C LYS C 3 -5.12 0.62 -28.61
N LYS C 4 -5.52 -0.27 -27.71
CA LYS C 4 -6.92 -0.44 -27.31
C LYS C 4 -7.62 0.84 -26.81
N PRO C 5 -8.93 0.94 -27.06
CA PRO C 5 -9.77 2.04 -26.57
C PRO C 5 -10.11 1.88 -25.09
N SER C 6 -10.74 2.88 -24.51
CA SER C 6 -11.21 2.80 -23.14
C SER C 6 -12.73 2.79 -23.13
N LEU C 7 -13.31 1.80 -22.46
CA LEU C 7 -14.76 1.69 -22.38
C LEU C 7 -15.22 2.05 -20.98
N SER C 8 -15.93 3.17 -20.87
CA SER C 8 -16.49 3.60 -19.60
C SER C 8 -18.03 3.70 -19.72
N VAL C 9 -18.73 3.57 -18.60
CA VAL C 9 -20.19 3.73 -18.62
C VAL C 9 -20.75 4.82 -17.69
N GLN C 10 -21.69 5.61 -18.20
CA GLN C 10 -22.44 6.58 -17.38
C GLN C 10 -23.88 6.12 -17.13
N PRO C 11 -24.38 6.31 -15.90
CA PRO C 11 -23.73 6.86 -14.71
C PRO C 11 -23.11 5.76 -13.85
N GLY C 12 -23.23 4.51 -14.30
CA GLY C 12 -22.70 3.38 -13.57
C GLY C 12 -23.04 2.09 -14.27
N PRO C 13 -22.44 0.98 -13.83
CA PRO C 13 -22.68 -0.32 -14.48
C PRO C 13 -24.03 -0.93 -14.09
N ILE C 14 -24.65 -0.42 -13.04
CA ILE C 14 -25.91 -0.99 -12.56
C ILE C 14 -27.11 -0.26 -13.12
N VAL C 15 -27.88 -0.95 -13.96
CA VAL C 15 -29.04 -0.36 -14.58
C VAL C 15 -30.30 -1.17 -14.28
N ALA C 16 -31.38 -0.47 -13.97
CA ALA C 16 -32.67 -1.10 -13.74
C ALA C 16 -33.35 -1.33 -15.09
N PRO C 17 -34.19 -2.37 -15.21
CA PRO C 17 -34.93 -2.60 -16.44
C PRO C 17 -35.73 -1.38 -16.88
N GLU C 18 -35.85 -1.22 -18.21
CA GLU C 18 -36.55 -0.13 -18.86
C GLU C 18 -35.72 1.16 -18.84
N GLU C 19 -34.57 1.14 -18.18
CA GLU C 19 -33.75 2.33 -18.14
C GLU C 19 -32.73 2.32 -19.26
N THR C 20 -31.94 3.39 -19.33
CA THR C 20 -30.98 3.56 -20.41
C THR C 20 -29.64 4.01 -19.85
N LEU C 21 -28.55 3.42 -20.33
CA LEU C 21 -27.24 3.97 -20.04
C LEU C 21 -26.35 4.05 -21.28
N THR C 22 -25.49 5.05 -21.28
CA THR C 22 -24.62 5.28 -22.42
C THR C 22 -23.19 4.86 -22.11
N LEU C 23 -22.53 4.29 -23.10
CA LEU C 23 -21.16 3.81 -22.95
C LEU C 23 -20.22 4.66 -23.77
N GLN C 24 -19.10 5.05 -23.16
CA GLN C 24 -18.12 5.86 -23.87
C GLN C 24 -16.96 5.00 -24.31
N CYS C 25 -16.69 5.00 -25.61
CA CYS C 25 -15.56 4.26 -26.17
C CYS C 25 -14.60 5.25 -26.84
N GLY C 26 -13.50 5.58 -26.15
CA GLY C 26 -12.56 6.57 -26.66
C GLY C 26 -11.09 6.18 -26.63
N SER C 27 -10.28 6.98 -27.33
CA SER C 27 -8.83 6.78 -27.38
C SER C 27 -8.15 8.06 -27.88
N ASP C 28 -6.84 8.12 -27.76
CA ASP C 28 -6.06 9.23 -28.34
C ASP C 28 -5.23 8.74 -29.52
N ALA C 29 -5.47 7.50 -29.93
CA ALA C 29 -4.74 6.89 -31.02
C ALA C 29 -5.31 7.29 -32.39
N GLY C 30 -6.22 8.26 -32.39
CA GLY C 30 -6.75 8.83 -33.62
C GLY C 30 -7.60 7.93 -34.50
N TYR C 31 -8.63 7.31 -33.92
CA TYR C 31 -9.57 6.51 -34.69
C TYR C 31 -10.73 7.34 -35.22
N ASN C 32 -11.39 6.84 -36.26
CA ASN C 32 -12.56 7.50 -36.82
C ASN C 32 -13.81 6.62 -36.73
N ARG C 33 -13.65 5.40 -36.22
CA ARG C 33 -14.77 4.49 -36.01
C ARG C 33 -14.63 3.60 -34.77
N PHE C 34 -15.76 3.15 -34.25
CA PHE C 34 -15.78 2.20 -33.14
C PHE C 34 -16.91 1.21 -33.30
N VAL C 35 -16.70 0.00 -32.79
CA VAL C 35 -17.73 -1.03 -32.84
C VAL C 35 -17.89 -1.68 -31.46
N LEU C 36 -19.13 -1.87 -31.01
CA LEU C 36 -19.37 -2.49 -29.71
C LEU C 36 -19.80 -3.95 -29.85
N TYR C 37 -19.14 -4.82 -29.10
CA TYR C 37 -19.50 -6.24 -29.08
C TYR C 37 -19.86 -6.65 -27.66
N LYS C 38 -20.66 -7.71 -27.55
CA LYS C 38 -20.99 -8.29 -26.24
C LYS C 38 -20.49 -9.73 -26.13
N ASP C 39 -19.76 -10.02 -25.06
CA ASP C 39 -19.27 -11.37 -24.81
C ASP C 39 -20.40 -12.39 -24.86
N GLY C 40 -20.24 -13.39 -25.73
CA GLY C 40 -21.25 -14.41 -25.91
C GLY C 40 -22.28 -14.02 -26.97
N GLU C 41 -21.83 -13.23 -27.94
CA GLU C 41 -22.69 -12.75 -29.03
C GLU C 41 -21.87 -12.46 -30.29
N ARG C 42 -22.15 -13.19 -31.37
CA ARG C 42 -21.35 -13.14 -32.58
C ARG C 42 -21.44 -11.77 -33.26
N ASP C 43 -22.65 -11.28 -33.44
CA ASP C 43 -22.89 -10.05 -34.19
C ASP C 43 -22.49 -8.78 -33.44
N PHE C 44 -22.06 -7.78 -34.21
CA PHE C 44 -21.74 -6.49 -33.64
C PHE C 44 -23.04 -5.82 -33.22
N LEU C 45 -23.00 -5.05 -32.13
CA LEU C 45 -24.20 -4.38 -31.66
C LEU C 45 -24.34 -2.99 -32.28
N GLN C 46 -23.29 -2.19 -32.19
CA GLN C 46 -23.34 -0.82 -32.69
C GLN C 46 -22.06 -0.41 -33.39
N LEU C 47 -22.16 0.60 -34.25
CA LEU C 47 -21.01 1.10 -35.01
C LEU C 47 -21.15 2.60 -35.27
N ALA C 48 -20.15 3.38 -34.87
CA ALA C 48 -20.24 4.84 -34.96
C ALA C 48 -19.04 5.45 -35.69
N GLY C 49 -18.87 6.76 -35.53
CA GLY C 49 -17.80 7.49 -36.21
C GLY C 49 -17.24 8.57 -35.30
N ALA C 50 -15.97 8.92 -35.48
CA ALA C 50 -15.32 9.89 -34.58
C ALA C 50 -14.44 10.97 -35.23
N GLN C 51 -13.62 11.59 -34.38
CA GLN C 51 -12.80 12.75 -34.73
C GLN C 51 -11.48 12.46 -35.47
N PRO C 52 -10.97 13.45 -36.22
CA PRO C 52 -9.78 13.30 -37.09
C PRO C 52 -8.40 13.61 -36.50
N GLN C 53 -8.12 14.85 -36.10
CA GLN C 53 -6.76 15.21 -35.73
C GLN C 53 -6.54 15.19 -34.22
N ALA C 54 -5.77 14.19 -33.80
CA ALA C 54 -5.42 13.91 -32.42
C ALA C 54 -5.03 15.15 -31.61
N GLY C 55 -5.33 15.14 -30.30
CA GLY C 55 -5.78 13.93 -29.60
C GLY C 55 -6.99 13.76 -28.67
N LEU C 56 -8.08 13.35 -29.34
CA LEU C 56 -9.39 12.95 -28.78
C LEU C 56 -10.29 12.35 -29.90
N SER C 57 -10.89 11.18 -29.65
CA SER C 57 -11.71 10.48 -30.63
C SER C 57 -12.60 9.54 -29.84
N GLN C 58 -13.91 9.78 -29.86
CA GLN C 58 -14.80 9.09 -28.95
C GLN C 58 -16.15 8.81 -29.61
N ALA C 59 -16.82 7.76 -29.15
CA ALA C 59 -18.13 7.39 -29.66
C ALA C 59 -19.01 6.92 -28.51
N ASN C 60 -20.22 7.48 -28.46
CA ASN C 60 -21.17 7.13 -27.42
C ASN C 60 -22.08 5.99 -27.88
N PHE C 61 -22.15 4.93 -27.08
CA PHE C 61 -23.06 3.83 -27.34
C PHE C 61 -24.17 3.85 -26.31
N THR C 62 -25.41 3.75 -26.77
CA THR C 62 -26.53 3.75 -25.84
C THR C 62 -27.29 2.43 -25.82
N LEU C 63 -27.44 1.86 -24.63
CA LEU C 63 -28.22 0.64 -24.50
C LEU C 63 -29.63 1.03 -24.10
N GLY C 64 -30.53 1.00 -25.06
CA GLY C 64 -31.90 1.44 -24.88
C GLY C 64 -32.65 0.43 -24.05
N PRO C 65 -33.85 0.80 -23.56
CA PRO C 65 -34.71 0.09 -22.61
C PRO C 65 -34.23 -1.31 -22.27
N VAL C 66 -33.46 -1.43 -21.20
CA VAL C 66 -32.73 -2.67 -20.95
C VAL C 66 -33.64 -3.76 -20.38
N SER C 67 -33.21 -5.00 -20.60
CA SER C 67 -33.88 -6.16 -20.07
C SER C 67 -32.82 -7.09 -19.47
N ARG C 68 -33.27 -8.18 -18.87
CA ARG C 68 -32.39 -9.22 -18.34
C ARG C 68 -31.26 -9.60 -19.30
N SER C 69 -31.61 -9.70 -20.59
CA SER C 69 -30.66 -10.14 -21.62
C SER C 69 -29.52 -9.15 -21.86
N TYR C 70 -29.58 -7.98 -21.23
CA TYR C 70 -28.56 -6.97 -21.40
C TYR C 70 -27.38 -7.17 -20.46
N GLY C 71 -27.53 -8.08 -19.51
CA GLY C 71 -26.48 -8.36 -18.55
C GLY C 71 -25.29 -9.09 -19.16
N GLY C 72 -24.09 -8.60 -18.89
CA GLY C 72 -22.88 -9.26 -19.36
C GLY C 72 -21.69 -8.35 -19.57
N GLN C 73 -20.78 -8.77 -20.44
CA GLN C 73 -19.53 -8.06 -20.66
C GLN C 73 -19.46 -7.42 -22.03
N TYR C 74 -19.06 -6.16 -22.04
CA TYR C 74 -18.94 -5.43 -23.29
C TYR C 74 -17.51 -4.98 -23.57
N ARG C 75 -17.14 -4.98 -24.84
CA ARG C 75 -15.86 -4.47 -25.26
C ARG C 75 -16.03 -3.74 -26.57
N CYS C 76 -15.13 -2.81 -26.82
CA CYS C 76 -15.19 -2.04 -28.06
C CYS C 76 -13.84 -2.03 -28.76
N TYR C 77 -13.88 -1.66 -30.04
CA TYR C 77 -12.70 -1.65 -30.89
C TYR C 77 -12.63 -0.35 -31.67
N GLY C 78 -11.43 0.03 -32.11
CA GLY C 78 -11.27 1.23 -32.91
C GLY C 78 -10.65 0.93 -34.26
N ALA C 79 -11.00 1.74 -35.26
CA ALA C 79 -10.43 1.60 -36.59
C ALA C 79 -10.16 2.95 -37.22
N HIS C 80 -9.29 2.95 -38.23
CA HIS C 80 -8.97 4.19 -38.93
C HIS C 80 -9.82 4.35 -40.18
N ASN C 81 -9.82 5.58 -40.69
CA ASN C 81 -10.59 5.97 -41.88
C ASN C 81 -10.39 4.96 -42.98
N LEU C 82 -9.12 4.59 -43.13
CA LEU C 82 -8.62 3.74 -44.19
C LEU C 82 -8.70 2.23 -43.91
N SER C 83 -8.08 1.82 -42.82
CA SER C 83 -7.83 0.40 -42.55
C SER C 83 -9.04 -0.50 -42.50
N SER C 84 -8.79 -1.79 -42.71
CA SER C 84 -9.79 -2.82 -42.49
C SER C 84 -9.36 -3.57 -41.24
N GLU C 85 -8.18 -3.20 -40.76
CA GLU C 85 -7.59 -3.75 -39.55
C GLU C 85 -8.18 -3.09 -38.31
N TRP C 86 -8.80 -3.88 -37.44
CA TRP C 86 -9.37 -3.36 -36.20
C TRP C 86 -8.43 -3.51 -35.01
N SER C 87 -8.47 -2.53 -34.11
CA SER C 87 -7.58 -2.46 -32.95
C SER C 87 -7.75 -3.58 -31.94
N ALA C 88 -6.90 -3.58 -30.92
CA ALA C 88 -7.05 -4.50 -29.79
C ALA C 88 -8.29 -4.15 -28.96
N PRO C 89 -8.96 -5.17 -28.41
CA PRO C 89 -10.14 -5.00 -27.55
C PRO C 89 -9.87 -4.14 -26.32
N SER C 90 -10.84 -3.32 -25.95
CA SER C 90 -10.74 -2.55 -24.72
C SER C 90 -10.89 -3.48 -23.51
N ASP C 91 -10.61 -2.95 -22.32
CA ASP C 91 -10.84 -3.69 -21.08
C ASP C 91 -12.33 -4.00 -20.94
N PRO C 92 -12.66 -5.21 -20.46
CA PRO C 92 -14.06 -5.64 -20.34
C PRO C 92 -14.90 -4.74 -19.43
N LEU C 93 -16.08 -4.34 -19.92
CA LEU C 93 -17.07 -3.68 -19.09
C LEU C 93 -18.20 -4.63 -18.71
N ASP C 94 -18.39 -4.79 -17.41
CA ASP C 94 -19.49 -5.57 -16.88
C ASP C 94 -20.71 -4.67 -16.66
N ILE C 95 -21.85 -5.06 -17.23
CA ILE C 95 -23.09 -4.31 -17.03
C ILE C 95 -24.07 -5.19 -16.26
N LEU C 96 -24.63 -4.63 -15.19
CA LEU C 96 -25.47 -5.39 -14.29
C LEU C 96 -26.93 -4.96 -14.39
N ILE C 97 -27.85 -5.91 -14.20
CA ILE C 97 -29.27 -5.61 -14.28
C ILE C 97 -29.96 -5.82 -12.93
N ALA C 98 -30.64 -4.77 -12.45
CA ALA C 98 -31.33 -4.82 -11.17
C ALA C 98 -32.68 -5.53 -11.27
N GLY C 99 -33.28 -5.81 -10.11
CA GLY C 99 -34.61 -6.41 -10.01
C GLY C 99 -34.74 -7.77 -10.69
N GLN C 100 -33.80 -8.66 -10.41
CA GLN C 100 -33.79 -9.96 -11.07
C GLN C 100 -33.88 -11.10 -10.07
N PHE C 101 -34.26 -10.77 -8.84
CA PHE C 101 -34.41 -11.79 -7.80
C PHE C 101 -35.71 -11.56 -7.05
N TYR C 102 -36.32 -12.63 -6.56
CA TYR C 102 -37.52 -12.50 -5.76
C TYR C 102 -37.26 -11.76 -4.46
N ASP C 103 -36.26 -12.22 -3.71
CA ASP C 103 -35.97 -11.66 -2.40
C ASP C 103 -35.45 -10.23 -2.53
N ARG C 104 -35.84 -9.38 -1.59
CA ARG C 104 -35.45 -7.98 -1.65
C ARG C 104 -34.50 -7.60 -0.52
N VAL C 105 -33.73 -6.54 -0.73
CA VAL C 105 -32.78 -6.08 0.28
C VAL C 105 -33.17 -4.71 0.83
N SER C 106 -32.70 -4.44 2.05
CA SER C 106 -32.96 -3.18 2.72
C SER C 106 -31.65 -2.59 3.22
N LEU C 107 -31.49 -1.29 3.08
CA LEU C 107 -30.27 -0.61 3.49
C LEU C 107 -30.46 0.06 4.83
N SER C 108 -29.71 -0.41 5.82
CA SER C 108 -29.76 0.19 7.15
C SER C 108 -28.45 0.91 7.43
N VAL C 109 -28.43 1.75 8.45
CA VAL C 109 -27.21 2.48 8.78
C VAL C 109 -26.89 2.59 10.26
N GLN C 110 -25.67 2.23 10.63
CA GLN C 110 -25.15 2.48 11.98
C GLN C 110 -24.08 3.54 11.96
N PRO C 111 -24.25 4.58 12.77
CA PRO C 111 -25.29 4.70 13.80
C PRO C 111 -26.66 5.15 13.29
N GLY C 112 -26.70 6.27 12.58
CA GLY C 112 -27.95 6.80 12.08
C GLY C 112 -27.75 7.61 10.81
N PRO C 113 -28.86 7.99 10.16
CA PRO C 113 -28.76 8.75 8.91
C PRO C 113 -28.14 10.13 9.10
N THR C 114 -28.14 10.63 10.33
CA THR C 114 -27.58 11.95 10.58
C THR C 114 -26.33 11.90 11.46
N VAL C 115 -25.23 12.40 10.93
CA VAL C 115 -23.96 12.47 11.65
C VAL C 115 -23.22 13.74 11.22
N ALA C 116 -22.29 14.19 12.05
CA ALA C 116 -21.42 15.31 11.69
C ALA C 116 -20.10 14.71 11.24
N SER C 117 -19.38 15.40 10.36
CA SER C 117 -18.15 14.86 9.77
C SER C 117 -17.18 14.33 10.81
N GLY C 118 -16.39 13.33 10.41
CA GLY C 118 -15.48 12.63 11.31
C GLY C 118 -16.09 11.47 12.10
N GLU C 119 -17.36 11.16 11.86
CA GLU C 119 -18.06 10.05 12.52
C GLU C 119 -17.88 8.69 11.83
N ASN C 120 -17.76 7.63 12.62
CA ASN C 120 -17.67 6.27 12.07
C ASN C 120 -19.03 5.62 11.83
N VAL C 121 -19.39 5.52 10.56
CA VAL C 121 -20.63 4.87 10.16
C VAL C 121 -20.36 3.51 9.51
N THR C 122 -21.34 2.62 9.60
CA THR C 122 -21.24 1.26 9.08
C THR C 122 -22.60 0.85 8.53
N LEU C 123 -22.98 1.42 7.39
CA LEU C 123 -24.31 1.15 6.84
C LEU C 123 -24.46 -0.31 6.41
N LEU C 124 -25.63 -0.87 6.71
CA LEU C 124 -25.84 -2.31 6.57
C LEU C 124 -26.66 -2.68 5.35
N CYS C 125 -26.50 -3.91 4.89
CA CYS C 125 -27.28 -4.39 3.76
C CYS C 125 -27.74 -5.82 4.04
N GLN C 126 -29.07 -6.00 4.09
CA GLN C 126 -29.76 -7.23 4.53
C GLN C 126 -30.64 -7.87 3.47
N SER C 127 -30.98 -9.13 3.71
CA SER C 127 -31.95 -9.87 2.90
C SER C 127 -32.29 -11.18 3.60
N GLN C 128 -33.56 -11.53 3.61
CA GLN C 128 -33.99 -12.78 4.23
C GLN C 128 -33.62 -13.94 3.32
N GLY C 129 -33.54 -13.68 2.02
CA GLY C 129 -33.18 -14.67 1.02
C GLY C 129 -31.67 -14.81 0.92
N TRP C 130 -31.22 -15.92 0.34
CA TRP C 130 -29.81 -16.21 0.23
C TRP C 130 -29.12 -15.26 -0.74
N MET C 131 -28.05 -14.61 -0.27
CA MET C 131 -27.21 -13.76 -1.12
C MET C 131 -25.74 -14.01 -0.83
N GLN C 132 -24.94 -14.08 -1.88
CA GLN C 132 -23.51 -14.32 -1.71
C GLN C 132 -22.76 -13.02 -1.43
N THR C 133 -22.99 -12.01 -2.26
CA THR C 133 -22.32 -10.73 -2.13
C THR C 133 -23.32 -9.58 -2.15
N PHE C 134 -22.96 -8.47 -1.52
CA PHE C 134 -23.78 -7.26 -1.55
C PHE C 134 -23.01 -6.08 -2.14
N LEU C 135 -23.64 -5.35 -3.05
CA LEU C 135 -23.05 -4.19 -3.69
C LEU C 135 -23.59 -2.88 -3.11
N LEU C 136 -22.69 -1.96 -2.78
CA LEU C 136 -23.09 -0.63 -2.36
C LEU C 136 -22.82 0.43 -3.44
N THR C 137 -23.75 1.36 -3.62
CA THR C 137 -23.62 2.40 -4.62
C THR C 137 -24.07 3.77 -4.11
N LYS C 138 -23.63 4.81 -4.81
CA LYS C 138 -24.09 6.17 -4.54
C LYS C 138 -24.27 6.90 -5.87
N GLU C 139 -25.33 7.69 -5.98
CA GLU C 139 -25.57 8.50 -7.17
C GLU C 139 -24.46 9.50 -7.49
N GLY C 140 -23.98 9.47 -8.73
CA GLY C 140 -22.88 10.32 -9.13
C GLY C 140 -21.53 9.87 -8.59
N ALA C 141 -21.54 8.86 -7.73
CA ALA C 141 -20.31 8.34 -7.14
C ALA C 141 -19.83 7.13 -7.94
N ALA C 142 -19.40 7.38 -9.18
CA ALA C 142 -19.17 6.33 -10.18
C ALA C 142 -17.67 6.20 -10.45
N ASP C 143 -17.18 5.25 -11.26
CA ASP C 143 -17.95 4.28 -12.06
C ASP C 143 -18.05 2.91 -11.40
N ASP C 144 -17.66 2.84 -10.14
CA ASP C 144 -17.53 1.55 -9.49
C ASP C 144 -18.16 1.40 -8.11
N PRO C 145 -19.09 0.44 -7.96
CA PRO C 145 -19.73 0.04 -6.70
C PRO C 145 -18.82 -0.79 -5.79
N TRP C 146 -19.10 -0.74 -4.49
CA TRP C 146 -18.34 -1.50 -3.49
C TRP C 146 -18.98 -2.88 -3.22
N ARG C 147 -18.41 -3.92 -3.81
CA ARG C 147 -18.91 -5.29 -3.67
C ARG C 147 -18.28 -6.04 -2.49
N LEU C 148 -19.07 -6.27 -1.45
CA LEU C 148 -18.59 -7.03 -0.28
C LEU C 148 -19.27 -8.39 -0.18
N ARG C 149 -18.66 -9.33 0.55
CA ARG C 149 -19.26 -10.65 0.68
C ARG C 149 -20.18 -10.73 1.89
N SER C 150 -21.15 -11.64 1.84
CA SER C 150 -22.20 -11.74 2.86
C SER C 150 -21.86 -12.74 3.96
N THR C 151 -22.49 -12.56 5.12
CA THR C 151 -22.33 -13.48 6.24
C THR C 151 -23.69 -13.88 6.80
N TYR C 152 -23.85 -15.17 7.09
CA TYR C 152 -25.11 -15.67 7.64
C TYR C 152 -25.16 -15.32 9.13
N GLN C 153 -25.74 -14.18 9.44
CA GLN C 153 -25.83 -13.68 10.81
C GLN C 153 -27.28 -13.52 11.28
N SER C 154 -27.64 -14.23 12.33
CA SER C 154 -29.00 -14.20 12.91
C SER C 154 -30.06 -14.65 11.91
N GLN C 155 -29.86 -15.86 11.36
CA GLN C 155 -30.72 -16.47 10.33
C GLN C 155 -31.17 -15.50 9.23
N LYS C 156 -30.24 -14.68 8.76
CA LYS C 156 -30.55 -13.55 7.87
C LYS C 156 -29.21 -13.02 7.29
N TYR C 157 -29.09 -13.01 5.96
CA TYR C 157 -27.83 -12.59 5.31
C TYR C 157 -27.61 -11.08 5.36
N GLN C 158 -26.34 -10.69 5.49
CA GLN C 158 -25.97 -9.28 5.58
C GLN C 158 -24.49 -9.05 5.29
N ALA C 159 -24.13 -7.78 5.11
CA ALA C 159 -22.74 -7.40 4.88
C ALA C 159 -22.55 -5.94 5.31
N GLU C 160 -21.64 -5.73 6.26
CA GLU C 160 -21.37 -4.40 6.77
C GLU C 160 -20.44 -3.63 5.85
N PHE C 161 -20.78 -2.38 5.56
CA PHE C 161 -19.94 -1.51 4.76
C PHE C 161 -19.38 -0.37 5.58
N PRO C 162 -18.18 -0.55 6.16
CA PRO C 162 -17.57 0.52 6.94
C PRO C 162 -17.13 1.70 6.06
N MET C 163 -17.45 2.91 6.50
CA MET C 163 -17.01 4.11 5.81
C MET C 163 -16.00 4.72 6.75
N GLY C 164 -15.99 4.20 7.97
CA GLY C 164 -15.13 4.69 9.03
C GLY C 164 -15.42 6.15 9.25
N PRO C 165 -14.37 6.95 9.48
CA PRO C 165 -14.50 8.39 9.71
C PRO C 165 -15.12 9.10 8.50
N VAL C 166 -16.30 9.68 8.70
CA VAL C 166 -17.06 10.27 7.59
C VAL C 166 -16.65 11.73 7.37
N THR C 167 -16.77 12.20 6.13
CA THR C 167 -16.48 13.59 5.81
C THR C 167 -17.60 14.21 4.99
N SER C 168 -17.60 15.55 4.96
CA SER C 168 -18.54 16.33 4.15
C SER C 168 -18.61 15.83 2.69
N ALA C 169 -17.54 15.25 2.18
CA ALA C 169 -17.51 14.80 0.80
C ALA C 169 -18.39 13.56 0.55
N HIS C 170 -19.04 13.06 1.60
CA HIS C 170 -19.97 11.95 1.47
C HIS C 170 -21.36 12.58 1.53
N ALA C 171 -22.22 11.99 2.35
CA ALA C 171 -23.60 12.45 2.55
C ALA C 171 -24.41 12.53 1.27
N GLY C 172 -24.27 11.52 0.41
CA GLY C 172 -25.07 11.43 -0.79
C GLY C 172 -26.26 10.50 -0.67
N THR C 173 -26.77 10.08 -1.81
CA THR C 173 -27.90 9.18 -1.84
C THR C 173 -27.42 7.72 -2.01
N TYR C 174 -27.79 6.84 -1.10
CA TYR C 174 -27.31 5.46 -1.15
C TYR C 174 -28.40 4.42 -1.45
N ARG C 175 -27.95 3.28 -1.97
CA ARG C 175 -28.80 2.12 -2.20
C ARG C 175 -27.89 0.90 -2.37
N CYS C 176 -28.34 -0.26 -1.91
CA CYS C 176 -27.55 -1.48 -2.07
C CYS C 176 -28.33 -2.60 -2.73
N TYR C 177 -27.59 -3.55 -3.30
CA TYR C 177 -28.18 -4.68 -4.00
C TYR C 177 -27.60 -5.97 -3.44
N GLY C 178 -28.34 -7.05 -3.63
CA GLY C 178 -27.86 -8.37 -3.28
C GLY C 178 -27.47 -9.09 -4.55
N SER C 179 -26.63 -10.12 -4.42
CA SER C 179 -26.12 -10.81 -5.59
C SER C 179 -25.82 -12.27 -5.33
N GLN C 180 -25.97 -13.07 -6.38
CA GLN C 180 -25.57 -14.47 -6.31
C GLN C 180 -24.58 -14.71 -7.45
N SER C 181 -23.47 -15.39 -7.11
CA SER C 181 -22.35 -15.51 -8.04
C SER C 181 -22.63 -16.44 -9.21
N SER C 182 -23.66 -17.27 -9.09
CA SER C 182 -24.08 -18.12 -10.19
C SER C 182 -24.59 -17.24 -11.33
N LYS C 183 -25.05 -16.04 -10.97
CA LYS C 183 -25.50 -15.03 -11.94
C LYS C 183 -24.76 -13.71 -11.72
N PRO C 184 -23.55 -13.58 -12.30
CA PRO C 184 -22.65 -12.45 -12.10
C PRO C 184 -23.28 -11.09 -12.45
N TYR C 185 -24.00 -11.02 -13.57
CA TYR C 185 -24.53 -9.75 -14.08
C TYR C 185 -25.97 -9.51 -13.68
N LEU C 186 -26.46 -10.25 -12.70
CA LEU C 186 -27.82 -10.07 -12.22
C LEU C 186 -27.81 -9.56 -10.79
N LEU C 187 -28.69 -8.60 -10.52
CA LEU C 187 -28.82 -7.99 -9.20
C LEU C 187 -30.24 -8.01 -8.68
N THR C 188 -30.38 -8.03 -7.36
CA THR C 188 -31.68 -7.91 -6.72
C THR C 188 -32.28 -6.51 -7.00
N HIS C 189 -33.53 -6.32 -6.60
CA HIS C 189 -34.12 -4.98 -6.63
C HIS C 189 -33.27 -4.02 -5.82
N PRO C 190 -33.13 -2.77 -6.30
CA PRO C 190 -32.43 -1.77 -5.49
C PRO C 190 -33.09 -1.71 -4.11
N SER C 191 -32.35 -1.29 -3.09
CA SER C 191 -32.94 -1.14 -1.78
C SER C 191 -33.50 0.26 -1.68
N ASP C 192 -34.27 0.51 -0.62
CA ASP C 192 -34.79 1.84 -0.39
C ASP C 192 -33.60 2.76 -0.16
N PRO C 193 -33.67 3.96 -0.72
CA PRO C 193 -32.59 4.95 -0.60
C PRO C 193 -32.20 5.27 0.84
N LEU C 194 -30.91 5.52 1.07
CA LEU C 194 -30.41 5.91 2.39
C LEU C 194 -29.76 7.30 2.30
N GLU C 195 -30.33 8.27 2.99
CA GLU C 195 -29.82 9.63 2.99
C GLU C 195 -28.86 9.88 4.16
N LEU C 196 -27.67 10.42 3.89
CA LEU C 196 -26.81 10.75 5.02
C LEU C 196 -26.98 12.22 5.40
I IOD D . 34.89 5.89 1.73
I IOD E . 16.34 16.00 0.94
I IOD F . 6.48 9.04 4.03
I IOD G . 10.83 2.19 6.46
I IOD H . 24.98 23.79 27.30
I IOD I . -15.02 -9.45 1.32
I IOD J . -7.35 -5.11 9.70
I IOD K . -10.59 -6.06 -5.61
I IOD L . 8.37 14.48 -15.74
I IOD M . -25.99 -13.76 -15.78
I IOD N . -35.59 -2.59 -10.56
I IOD O . -19.27 -3.89 -10.76
#